data_1VGP
#
_entry.id   1VGP
#
_cell.length_a   121.600
_cell.length_b   121.600
_cell.length_c   108.830
_cell.angle_alpha   90.00
_cell.angle_beta   90.00
_cell.angle_gamma   90.00
#
_symmetry.space_group_name_H-M   'P 41 21 2'
#
loop_
_entity.id
_entity.type
_entity.pdbx_description
1 polymer '373aa long hypothetical citrate synthase'
2 water water
#
_entity_poly.entity_id   1
_entity_poly.type   'polypeptide(L)'
_entity_poly.pdbx_seq_one_letter_code
;MEIKKGLEDVYVKETEITYIDGELGRLYYRGYSIYDLAEFSNFEEVSYLILYGKLPNREELNWFQEKLREERYLPDFIIK
FLREVRKDAQPMDILRTAVSLLGIEDSKNDERTDIKGIKLISKFPTIVANYARLRKGLDIIEPDPKLSHSENFLYMLYGD
RPNEIKSKAMDVTLILHIDHEMNASTFASLVVASTFSDLYSSIVAGISALKGPLHGGANYEALKMFKEIGSPEKVNDYIL
NRLSNKQRIMGFGHRVYKTYDPRARILKQYAKLLAEKEGGEIYTLYQIAEKVEEIGIKYLGPKGIYPNVDFFSSIVFYSL
GFEPDFFPAVFASARVVGWVAHIMEYIKDNKIIRPKAYYKGEIGKKYIPIDSR
;
_entity_poly.pdbx_strand_id   A
#
# COMPACT_ATOMS: atom_id res chain seq x y z
N MET A 1 5.01 -7.15 -34.60
CA MET A 1 5.90 -8.35 -34.62
C MET A 1 6.85 -8.40 -33.43
N GLU A 2 6.83 -7.37 -32.59
CA GLU A 2 7.60 -7.43 -31.35
C GLU A 2 6.73 -7.59 -30.13
N ILE A 3 6.88 -8.73 -29.47
CA ILE A 3 6.07 -9.03 -28.30
C ILE A 3 6.64 -8.26 -27.11
N LYS A 4 5.81 -7.41 -26.53
CA LYS A 4 6.21 -6.54 -25.43
C LYS A 4 5.74 -7.14 -24.09
N LYS A 5 6.17 -8.37 -23.82
CA LYS A 5 5.76 -9.09 -22.64
C LYS A 5 6.35 -8.48 -21.39
N GLY A 6 5.49 -8.13 -20.44
CA GLY A 6 5.92 -7.43 -19.25
C GLY A 6 5.51 -5.97 -19.32
N LEU A 7 5.39 -5.47 -20.54
CA LEU A 7 4.97 -4.10 -20.78
C LEU A 7 5.90 -3.12 -20.09
N GLU A 8 7.04 -3.62 -19.64
CA GLU A 8 8.16 -2.77 -19.28
C GLU A 8 8.43 -1.86 -20.46
N ASP A 9 8.54 -0.56 -20.19
CA ASP A 9 8.77 0.41 -21.26
C ASP A 9 7.68 0.45 -22.33
N VAL A 10 6.43 0.34 -21.90
CA VAL A 10 5.30 0.78 -22.70
C VAL A 10 4.44 1.70 -21.84
N TYR A 11 3.97 2.79 -22.42
CA TYR A 11 3.20 3.78 -21.66
C TYR A 11 1.73 3.49 -21.88
N VAL A 12 0.97 3.33 -20.80
CA VAL A 12 -0.44 2.97 -20.95
C VAL A 12 -1.37 4.13 -20.59
N LYS A 13 -0.79 5.22 -20.07
CA LYS A 13 -1.56 6.43 -19.92
C LYS A 13 -0.67 7.64 -19.69
N GLU A 14 -1.22 8.82 -19.95
CA GLU A 14 -0.65 10.05 -19.40
C GLU A 14 -1.25 10.26 -18.01
N THR A 15 -0.55 10.99 -17.16
CA THR A 15 -1.01 11.20 -15.82
C THR A 15 -0.59 12.56 -15.26
N GLU A 16 -1.35 13.05 -14.29
CA GLU A 16 -1.00 14.29 -13.63
C GLU A 16 -0.86 14.06 -12.13
N ILE A 17 -1.07 12.82 -11.72
CA ILE A 17 -1.19 12.49 -10.30
C ILE A 17 0.15 12.42 -9.56
N THR A 18 1.03 11.51 -9.97
CA THR A 18 2.28 11.30 -9.23
C THR A 18 3.46 11.36 -10.19
N TYR A 19 4.52 12.04 -9.78
CA TYR A 19 5.76 12.12 -10.54
C TYR A 19 6.95 11.68 -9.69
N ILE A 20 7.74 10.76 -10.23
CA ILE A 20 8.94 10.29 -9.55
C ILE A 20 10.16 10.60 -10.40
N ASP A 21 11.13 11.30 -9.82
CA ASP A 21 12.46 11.41 -10.41
C ASP A 21 13.38 10.45 -9.67
N GLY A 22 13.55 9.25 -10.21
CA GLY A 22 14.40 8.27 -9.57
C GLY A 22 15.86 8.66 -9.61
N GLU A 23 16.21 9.60 -10.49
CA GLU A 23 17.58 10.08 -10.61
C GLU A 23 17.92 11.04 -9.47
N LEU A 24 16.99 11.93 -9.15
CA LEU A 24 17.24 12.95 -8.14
C LEU A 24 16.63 12.58 -6.80
N GLY A 25 15.91 11.46 -6.76
CA GLY A 25 15.27 11.05 -5.52
C GLY A 25 14.14 11.98 -5.12
N ARG A 26 13.32 12.34 -6.10
CA ARG A 26 12.24 13.30 -5.87
C ARG A 26 10.87 12.64 -6.10
N LEU A 27 9.87 13.08 -5.33
CA LEU A 27 8.54 12.48 -5.42
C LEU A 27 7.47 13.54 -5.22
N TYR A 28 6.57 13.70 -6.19
CA TYR A 28 5.53 14.71 -6.09
C TYR A 28 4.13 14.13 -6.26
N TYR A 29 3.21 14.61 -5.45
CA TYR A 29 1.78 14.32 -5.60
C TYR A 29 1.15 15.61 -6.12
N ARG A 30 0.56 15.56 -7.31
CA ARG A 30 -0.01 16.76 -7.91
C ARG A 30 0.98 17.94 -7.92
N GLY A 31 2.27 17.64 -8.11
CA GLY A 31 3.27 18.69 -8.17
C GLY A 31 3.72 19.19 -6.81
N TYR A 32 3.17 18.60 -5.74
CA TYR A 32 3.61 18.96 -4.41
C TYR A 32 4.61 17.95 -3.87
N SER A 33 5.65 18.46 -3.20
CA SER A 33 6.73 17.63 -2.70
C SER A 33 6.26 16.77 -1.53
N ILE A 34 6.61 15.49 -1.56
CA ILE A 34 6.17 14.58 -0.52
C ILE A 34 6.74 15.00 0.83
N TYR A 35 7.93 15.63 0.79
CA TYR A 35 8.49 16.18 2.02
C TYR A 35 7.55 17.19 2.65
N ASP A 36 7.08 18.16 1.86
CA ASP A 36 6.15 19.18 2.34
C ASP A 36 4.82 18.60 2.76
N LEU A 37 4.35 17.60 2.02
CA LEU A 37 3.07 16.99 2.36
C LEU A 37 3.22 16.25 3.68
N ALA A 38 4.28 15.44 3.80
CA ALA A 38 4.54 14.73 5.04
C ALA A 38 4.57 15.70 6.21
N GLU A 39 5.23 16.84 6.01
CA GLU A 39 5.46 17.78 7.10
C GLU A 39 4.25 18.67 7.39
N PHE A 40 3.54 19.10 6.36
CA PHE A 40 2.53 20.14 6.54
C PHE A 40 1.10 19.66 6.34
N SER A 41 0.93 18.50 5.72
CA SER A 41 -0.41 18.01 5.42
C SER A 41 -0.83 16.84 6.30
N ASN A 42 -1.92 16.18 5.91
CA ASN A 42 -2.39 14.96 6.54
C ASN A 42 -3.02 14.04 5.51
N PHE A 43 -3.42 12.85 5.96
CA PHE A 43 -3.97 11.86 5.04
C PHE A 43 -5.19 12.40 4.29
N GLU A 44 -6.14 12.96 5.01
CA GLU A 44 -7.35 13.51 4.41
C GLU A 44 -7.06 14.56 3.34
N GLU A 45 -6.23 15.56 3.68
CA GLU A 45 -5.91 16.60 2.72
C GLU A 45 -5.16 16.05 1.52
N VAL A 46 -4.17 15.19 1.77
CA VAL A 46 -3.41 14.59 0.67
C VAL A 46 -4.27 13.73 -0.24
N SER A 47 -5.23 13.03 0.34
CA SER A 47 -6.16 12.24 -0.46
C SER A 47 -7.00 13.11 -1.40
N TYR A 48 -7.49 14.23 -0.88
CA TYR A 48 -8.24 15.19 -1.70
C TYR A 48 -7.36 15.74 -2.82
N LEU A 49 -6.14 16.11 -2.48
CA LEU A 49 -5.18 16.60 -3.45
C LEU A 49 -5.11 15.61 -4.60
N ILE A 50 -4.99 14.35 -4.25
CA ILE A 50 -4.66 13.32 -5.21
C ILE A 50 -5.90 12.94 -6.01
N LEU A 51 -7.06 12.86 -5.36
CA LEU A 51 -8.29 12.58 -6.09
C LEU A 51 -8.66 13.73 -7.04
N TYR A 52 -8.53 14.97 -6.59
CA TYR A 52 -9.10 16.10 -7.32
C TYR A 52 -8.07 17.00 -7.97
N GLY A 53 -6.79 16.81 -7.65
CA GLY A 53 -5.74 17.51 -8.37
C GLY A 53 -5.42 18.90 -7.85
N LYS A 54 -5.96 19.27 -6.69
CA LYS A 54 -5.53 20.51 -6.04
C LYS A 54 -5.80 20.48 -4.54
N LEU A 55 -5.04 21.26 -3.79
CA LEU A 55 -5.26 21.40 -2.36
C LEU A 55 -6.63 22.01 -2.14
N PRO A 56 -7.40 21.49 -1.16
CA PRO A 56 -8.77 21.95 -0.88
C PRO A 56 -8.74 23.24 -0.06
N ASN A 57 -9.72 24.11 -0.25
CA ASN A 57 -9.92 25.19 0.70
C ASN A 57 -10.68 24.64 1.89
N ARG A 58 -10.86 25.46 2.93
CA ARG A 58 -11.41 24.96 4.18
C ARG A 58 -12.79 24.33 4.03
N GLU A 59 -13.59 24.85 3.10
CA GLU A 59 -14.94 24.32 2.89
C GLU A 59 -14.91 23.01 2.13
N GLU A 60 -14.04 22.92 1.13
CA GLU A 60 -13.91 21.70 0.36
C GLU A 60 -13.40 20.54 1.23
N LEU A 61 -12.32 20.79 1.96
CA LEU A 61 -11.78 19.76 2.85
C LEU A 61 -12.79 19.36 3.93
N ASN A 62 -13.57 20.34 4.38
CA ASN A 62 -14.52 20.09 5.46
C ASN A 62 -15.60 19.16 4.93
N TRP A 63 -16.04 19.40 3.69
CA TRP A 63 -16.93 18.49 3.01
C TRP A 63 -16.28 17.12 2.86
N PHE A 64 -14.99 17.13 2.57
CA PHE A 64 -14.31 15.91 2.15
C PHE A 64 -14.12 14.95 3.31
N GLN A 65 -13.60 15.46 4.42
CA GLN A 65 -13.43 14.61 5.59
C GLN A 65 -14.75 14.36 6.29
N GLU A 66 -15.80 15.02 5.84
CA GLU A 66 -17.14 14.73 6.35
C GLU A 66 -17.61 13.41 5.74
N LYS A 67 -17.46 13.28 4.42
CA LYS A 67 -17.81 12.05 3.73
C LYS A 67 -16.99 10.89 4.30
N LEU A 68 -15.77 11.20 4.71
CA LEU A 68 -14.78 10.18 5.05
C LEU A 68 -15.08 9.52 6.40
N ARG A 69 -15.64 10.27 7.34
CA ARG A 69 -16.05 9.71 8.62
C ARG A 69 -17.45 9.15 8.54
N GLU A 70 -18.26 9.74 7.66
CA GLU A 70 -19.65 9.37 7.48
C GLU A 70 -19.83 7.90 7.08
N GLU A 71 -18.86 7.36 6.35
CA GLU A 71 -19.04 6.06 5.70
C GLU A 71 -18.03 5.00 6.14
N ARG A 72 -17.56 5.09 7.37
CA ARG A 72 -16.53 4.17 7.86
C ARG A 72 -17.15 2.85 8.28
N TYR A 73 -18.45 2.86 8.48
CA TYR A 73 -19.14 1.70 9.05
C TYR A 73 -19.33 0.64 7.99
N LEU A 74 -19.05 -0.62 8.36
CA LEU A 74 -19.31 -1.77 7.49
C LEU A 74 -20.72 -2.31 7.70
N PRO A 75 -21.39 -2.76 6.63
CA PRO A 75 -22.71 -3.38 6.81
C PRO A 75 -22.62 -4.71 7.55
N ASP A 76 -23.74 -5.14 8.11
CA ASP A 76 -23.73 -6.28 9.02
C ASP A 76 -23.27 -7.56 8.35
N PHE A 77 -23.62 -7.72 7.07
CA PHE A 77 -23.27 -8.92 6.35
C PHE A 77 -21.77 -9.11 6.34
N ILE A 78 -21.02 -8.07 5.97
CA ILE A 78 -19.58 -8.21 5.88
C ILE A 78 -18.93 -8.31 7.28
N ILE A 79 -19.50 -7.63 8.26
CA ILE A 79 -19.05 -7.82 9.65
C ILE A 79 -19.30 -9.26 10.11
N LYS A 80 -20.43 -9.81 9.69
CA LYS A 80 -20.76 -11.21 9.94
C LYS A 80 -19.71 -12.11 9.29
N PHE A 81 -19.35 -11.74 8.06
CA PHE A 81 -18.29 -12.41 7.34
C PHE A 81 -17.01 -12.45 8.18
N LEU A 82 -16.65 -11.30 8.74
CA LEU A 82 -15.36 -11.16 9.38
C LEU A 82 -15.25 -12.08 10.59
N ARG A 83 -16.25 -12.04 11.47
CA ARG A 83 -16.18 -12.83 12.69
C ARG A 83 -16.50 -14.30 12.46
N GLU A 84 -17.15 -14.61 11.35
CA GLU A 84 -17.49 -15.98 11.04
C GLU A 84 -16.37 -16.71 10.31
N VAL A 85 -15.49 -15.95 9.65
CA VAL A 85 -14.52 -16.50 8.73
C VAL A 85 -13.34 -17.23 9.40
N ARG A 86 -12.79 -18.21 8.70
CA ARG A 86 -11.47 -18.76 9.01
C ARG A 86 -10.57 -17.66 9.57
N LYS A 87 -9.96 -17.90 10.72
CA LYS A 87 -9.14 -16.88 11.35
C LYS A 87 -7.66 -17.05 11.07
N ASP A 88 -7.32 -18.05 10.25
CA ASP A 88 -5.96 -18.17 9.74
C ASP A 88 -5.92 -17.75 8.27
N ALA A 89 -6.90 -16.93 7.86
CA ALA A 89 -6.95 -16.39 6.52
C ALA A 89 -5.90 -15.28 6.36
N GLN A 90 -5.38 -15.14 5.14
CA GLN A 90 -4.52 -14.01 4.81
C GLN A 90 -5.32 -12.70 4.83
N PRO A 91 -4.85 -11.72 5.63
CA PRO A 91 -5.56 -10.43 5.69
C PRO A 91 -5.88 -9.82 4.31
N MET A 92 -5.00 -10.03 3.33
CA MET A 92 -5.26 -9.55 1.96
C MET A 92 -6.50 -10.22 1.38
N ASP A 93 -6.61 -11.53 1.56
CA ASP A 93 -7.78 -12.25 1.07
C ASP A 93 -9.03 -11.82 1.80
N ILE A 94 -8.88 -11.47 3.08
CA ILE A 94 -10.01 -10.92 3.81
C ILE A 94 -10.43 -9.62 3.13
N LEU A 95 -9.44 -8.77 2.89
CA LEU A 95 -9.68 -7.45 2.32
C LEU A 95 -10.34 -7.57 0.94
N ARG A 96 -9.82 -8.48 0.13
CA ARG A 96 -10.34 -8.74 -1.21
C ARG A 96 -11.80 -9.12 -1.16
N THR A 97 -12.12 -10.10 -0.31
CA THR A 97 -13.47 -10.59 -0.20
C THR A 97 -14.42 -9.50 0.33
N ALA A 98 -13.97 -8.80 1.37
CA ALA A 98 -14.81 -7.79 2.01
C ALA A 98 -15.17 -6.69 1.01
N VAL A 99 -14.19 -6.24 0.23
CA VAL A 99 -14.45 -5.22 -0.78
C VAL A 99 -15.45 -5.76 -1.81
N SER A 100 -15.30 -7.03 -2.16
CA SER A 100 -16.21 -7.68 -3.09
C SER A 100 -17.63 -7.67 -2.52
N LEU A 101 -17.75 -8.02 -1.24
CA LEU A 101 -19.04 -8.02 -0.55
C LEU A 101 -19.60 -6.60 -0.50
N LEU A 102 -18.75 -5.63 -0.21
CA LEU A 102 -19.18 -4.25 -0.18
C LEU A 102 -19.87 -3.88 -1.49
N GLY A 103 -19.35 -4.40 -2.61
CA GLY A 103 -19.96 -4.15 -3.90
C GLY A 103 -21.40 -4.66 -3.96
N ILE A 104 -21.60 -5.89 -3.51
CA ILE A 104 -22.95 -6.46 -3.44
C ILE A 104 -23.90 -5.63 -2.60
N GLU A 105 -23.44 -5.18 -1.43
CA GLU A 105 -24.30 -4.44 -0.53
C GLU A 105 -24.60 -3.03 -0.98
N ASP A 106 -23.84 -2.55 -1.97
CA ASP A 106 -24.05 -1.22 -2.55
C ASP A 106 -25.07 -1.27 -3.70
N SER A 107 -26.12 -0.47 -3.58
CA SER A 107 -27.19 -0.45 -4.58
C SER A 107 -27.41 0.94 -5.19
N LYS A 108 -26.64 1.93 -4.73
CA LYS A 108 -26.68 3.25 -5.33
C LYS A 108 -25.88 3.23 -6.63
N ASN A 109 -26.57 3.41 -7.76
CA ASN A 109 -25.93 3.29 -9.07
C ASN A 109 -25.86 4.65 -9.72
N ASP A 110 -26.43 5.63 -9.02
CA ASP A 110 -26.55 6.98 -9.52
C ASP A 110 -25.36 7.78 -8.97
N GLU A 111 -24.50 7.08 -8.25
CA GLU A 111 -23.45 7.71 -7.47
C GLU A 111 -22.21 8.00 -8.28
N ARG A 112 -21.77 9.25 -8.24
CA ARG A 112 -20.46 9.65 -8.76
C ARG A 112 -19.37 8.68 -8.31
N THR A 113 -18.49 8.32 -9.24
CA THR A 113 -17.42 7.37 -8.94
C THR A 113 -16.44 7.87 -7.86
N ASP A 114 -16.30 9.18 -7.68
CA ASP A 114 -15.44 9.70 -6.61
C ASP A 114 -16.07 9.58 -5.22
N ILE A 115 -17.37 9.82 -5.13
CA ILE A 115 -18.11 9.60 -3.90
C ILE A 115 -18.08 8.14 -3.48
N LYS A 116 -18.40 7.25 -4.42
CA LYS A 116 -18.22 5.82 -4.25
C LYS A 116 -16.78 5.54 -3.79
N GLY A 117 -15.82 6.25 -4.38
CA GLY A 117 -14.43 6.10 -3.95
C GLY A 117 -14.16 6.48 -2.50
N ILE A 118 -14.65 7.65 -2.07
CA ILE A 118 -14.47 8.09 -0.68
C ILE A 118 -14.89 6.98 0.28
N LYS A 119 -16.10 6.49 0.11
CA LYS A 119 -16.68 5.54 1.05
C LYS A 119 -15.87 4.25 1.11
N LEU A 120 -15.48 3.74 -0.04
CA LEU A 120 -14.59 2.58 -0.10
C LEU A 120 -13.32 2.83 0.71
N ILE A 121 -12.68 3.96 0.44
CA ILE A 121 -11.40 4.31 1.04
C ILE A 121 -11.52 4.33 2.56
N SER A 122 -12.63 4.86 3.03
CA SER A 122 -12.86 5.04 4.45
C SER A 122 -13.11 3.73 5.20
N LYS A 123 -13.55 2.70 4.48
CA LYS A 123 -13.86 1.43 5.11
C LYS A 123 -12.69 0.46 5.20
N PHE A 124 -11.64 0.69 4.39
CA PHE A 124 -10.49 -0.21 4.39
C PHE A 124 -9.95 -0.37 5.81
N PRO A 125 -9.66 0.76 6.48
CA PRO A 125 -9.12 0.64 7.84
C PRO A 125 -10.05 -0.12 8.80
N THR A 126 -11.36 0.08 8.64
CA THR A 126 -12.37 -0.62 9.44
C THR A 126 -12.33 -2.12 9.19
N ILE A 127 -12.20 -2.52 7.94
CA ILE A 127 -12.04 -3.94 7.60
C ILE A 127 -10.76 -4.47 8.26
N VAL A 128 -9.67 -3.75 8.09
CA VAL A 128 -8.38 -4.22 8.54
C VAL A 128 -8.36 -4.33 10.07
N ALA A 129 -8.69 -3.26 10.76
CA ALA A 129 -8.63 -3.26 12.22
C ALA A 129 -9.58 -4.32 12.82
N ASN A 130 -10.80 -4.40 12.28
CA ASN A 130 -11.80 -5.34 12.78
C ASN A 130 -11.32 -6.78 12.67
N TYR A 131 -10.65 -7.10 11.57
CA TYR A 131 -10.18 -8.46 11.39
C TYR A 131 -9.06 -8.78 12.36
N ALA A 132 -8.19 -7.79 12.60
CA ALA A 132 -7.05 -7.97 13.48
C ALA A 132 -7.49 -8.28 14.92
N ARG A 133 -8.53 -7.59 15.39
CA ARG A 133 -9.09 -7.84 16.71
C ARG A 133 -9.74 -9.22 16.76
N LEU A 134 -10.69 -9.44 15.85
CA LEU A 134 -11.37 -10.72 15.75
C LEU A 134 -10.38 -11.88 15.69
N ARG A 135 -9.30 -11.69 14.95
CA ARG A 135 -8.31 -12.73 14.78
C ARG A 135 -7.64 -13.00 16.12
N LYS A 136 -7.38 -11.93 16.88
CA LYS A 136 -6.75 -12.06 18.19
C LYS A 136 -7.77 -12.37 19.29
N GLY A 137 -8.99 -12.71 18.88
CA GLY A 137 -9.99 -13.14 19.86
C GLY A 137 -10.63 -11.99 20.63
N LEU A 138 -10.34 -10.76 20.23
CA LEU A 138 -10.96 -9.59 20.84
C LEU A 138 -12.25 -9.28 20.08
N ASP A 139 -12.87 -8.15 20.36
CA ASP A 139 -14.10 -7.81 19.67
C ASP A 139 -14.00 -6.58 18.79
N ILE A 140 -14.80 -6.56 17.74
CA ILE A 140 -14.95 -5.37 16.93
C ILE A 140 -15.15 -4.18 17.84
N ILE A 141 -14.30 -3.18 17.65
CA ILE A 141 -14.48 -1.91 18.30
C ILE A 141 -14.73 -0.92 17.18
N GLU A 142 -15.87 -0.23 17.23
CA GLU A 142 -16.40 0.50 16.06
C GLU A 142 -15.67 1.79 15.74
N PRO A 143 -15.78 2.27 14.50
CA PRO A 143 -15.14 3.54 14.20
C PRO A 143 -15.80 4.69 14.94
N ASP A 144 -14.97 5.62 15.40
CA ASP A 144 -15.37 6.80 16.16
C ASP A 144 -15.44 7.96 15.16
N PRO A 145 -16.66 8.44 14.86
CA PRO A 145 -16.73 9.46 13.81
C PRO A 145 -16.01 10.75 14.19
N LYS A 146 -15.91 10.98 15.49
CA LYS A 146 -15.24 12.17 16.01
C LYS A 146 -13.77 12.26 15.61
N LEU A 147 -13.12 11.11 15.42
CA LEU A 147 -11.68 11.08 15.18
C LEU A 147 -11.31 11.28 13.70
N SER A 148 -10.06 11.66 13.45
CA SER A 148 -9.56 11.81 12.09
C SER A 148 -9.07 10.45 11.59
N HIS A 149 -8.87 10.33 10.29
CA HIS A 149 -8.67 9.05 9.63
C HIS A 149 -7.63 8.20 10.32
N SER A 150 -6.41 8.74 10.45
CA SER A 150 -5.28 7.96 10.92
C SER A 150 -5.35 7.64 12.40
N GLU A 151 -5.85 8.58 13.20
CA GLU A 151 -6.05 8.34 14.62
C GLU A 151 -7.06 7.21 14.81
N ASN A 152 -8.15 7.26 14.04
CA ASN A 152 -9.23 6.29 14.17
C ASN A 152 -8.76 4.89 13.79
N PHE A 153 -7.87 4.81 12.80
CA PHE A 153 -7.29 3.52 12.43
C PHE A 153 -6.66 2.87 13.65
N LEU A 154 -5.77 3.59 14.32
CA LEU A 154 -5.08 3.03 15.48
C LEU A 154 -6.05 2.82 16.64
N TYR A 155 -7.02 3.73 16.76
CA TYR A 155 -8.09 3.57 17.74
C TYR A 155 -8.77 2.22 17.62
N MET A 156 -9.24 1.89 16.41
CA MET A 156 -9.99 0.65 16.20
C MET A 156 -9.10 -0.57 16.36
N LEU A 157 -7.80 -0.35 16.37
CA LEU A 157 -6.86 -1.45 16.55
C LEU A 157 -6.62 -1.67 18.04
N TYR A 158 -6.33 -0.58 18.76
CA TYR A 158 -6.00 -0.67 20.18
C TYR A 158 -7.26 -0.75 21.07
N GLY A 159 -8.34 -0.13 20.64
CA GLY A 159 -9.47 0.05 21.53
C GLY A 159 -9.43 1.35 22.31
N ASP A 160 -8.25 1.97 22.35
CA ASP A 160 -8.08 3.27 22.98
C ASP A 160 -7.46 4.27 22.02
N ARG A 161 -7.64 5.56 22.28
CA ARG A 161 -7.02 6.59 21.47
C ARG A 161 -5.51 6.44 21.56
N PRO A 162 -4.81 6.52 20.42
CA PRO A 162 -3.34 6.49 20.42
C PRO A 162 -2.74 7.83 20.82
N ASN A 163 -1.57 7.79 21.44
CA ASN A 163 -0.83 9.02 21.72
C ASN A 163 -0.49 9.72 20.41
N GLU A 164 -0.15 10.99 20.48
CA GLU A 164 -0.10 11.79 19.27
C GLU A 164 1.06 11.50 18.34
N ILE A 165 2.16 10.95 18.85
CA ILE A 165 3.28 10.63 17.95
C ILE A 165 2.91 9.43 17.11
N LYS A 166 2.16 8.51 17.71
CA LYS A 166 1.78 7.29 17.01
C LYS A 166 0.84 7.57 15.85
N SER A 167 -0.12 8.46 16.06
CA SER A 167 -1.10 8.77 15.04
C SER A 167 -0.52 9.70 13.97
N LYS A 168 0.48 10.49 14.36
CA LYS A 168 1.21 11.30 13.40
C LYS A 168 1.94 10.36 12.45
N ALA A 169 2.68 9.43 13.06
CA ALA A 169 3.46 8.43 12.36
C ALA A 169 2.56 7.61 11.44
N MET A 170 1.41 7.20 11.96
CA MET A 170 0.47 6.45 11.13
C MET A 170 0.08 7.31 9.94
N ASP A 171 -0.23 8.57 10.21
CA ASP A 171 -0.74 9.46 9.19
C ASP A 171 0.31 9.70 8.09
N VAL A 172 1.53 9.98 8.51
CA VAL A 172 2.57 10.24 7.54
C VAL A 172 2.87 8.93 6.80
N THR A 173 2.81 7.81 7.50
CA THR A 173 3.09 6.52 6.87
C THR A 173 2.09 6.23 5.75
N LEU A 174 0.82 6.49 6.01
CA LEU A 174 -0.21 6.27 5.00
C LEU A 174 -0.03 7.25 3.84
N ILE A 175 0.32 8.50 4.16
CA ILE A 175 0.56 9.52 3.13
C ILE A 175 1.61 9.02 2.15
N LEU A 176 2.70 8.48 2.70
CA LEU A 176 3.83 8.00 1.91
C LEU A 176 3.49 6.81 1.01
N HIS A 177 2.33 6.18 1.22
CA HIS A 177 1.95 5.02 0.42
C HIS A 177 0.75 5.22 -0.50
N ILE A 178 0.18 6.42 -0.51
CA ILE A 178 -1.04 6.64 -1.28
C ILE A 178 -0.86 6.30 -2.77
N ASP A 179 0.21 6.80 -3.39
CA ASP A 179 0.50 6.45 -4.77
C ASP A 179 2.01 6.44 -5.07
N HIS A 180 2.39 5.80 -6.18
CA HIS A 180 3.78 5.77 -6.62
C HIS A 180 3.84 5.43 -8.10
N GLU A 181 4.87 4.72 -8.56
CA GLU A 181 5.01 4.47 -9.99
C GLU A 181 4.00 3.43 -10.51
N MET A 182 3.51 3.65 -11.73
CA MET A 182 2.67 2.66 -12.42
C MET A 182 3.20 1.25 -12.17
N ASN A 183 2.31 0.34 -11.80
CA ASN A 183 2.69 -1.01 -11.45
C ASN A 183 1.56 -2.02 -11.70
N ALA A 184 1.85 -3.28 -11.40
CA ALA A 184 0.91 -4.36 -11.66
C ALA A 184 -0.45 -4.11 -11.03
N SER A 185 -0.48 -3.65 -9.77
CA SER A 185 -1.73 -3.54 -9.05
C SER A 185 -2.57 -2.33 -9.48
N THR A 186 -1.91 -1.18 -9.65
CA THR A 186 -2.59 -0.01 -10.16
C THR A 186 -3.10 -0.29 -11.56
N PHE A 187 -2.32 -1.05 -12.31
CA PHE A 187 -2.67 -1.35 -13.70
C PHE A 187 -3.80 -2.40 -13.77
N ALA A 188 -3.76 -3.38 -12.87
CA ALA A 188 -4.83 -4.36 -12.80
C ALA A 188 -6.16 -3.66 -12.56
N SER A 189 -6.14 -2.67 -11.67
CA SER A 189 -7.28 -1.77 -11.42
C SER A 189 -7.79 -1.16 -12.71
N LEU A 190 -6.87 -0.57 -13.46
CA LEU A 190 -7.18 0.19 -14.65
C LEU A 190 -7.77 -0.73 -15.74
N VAL A 191 -7.24 -1.94 -15.84
CA VAL A 191 -7.76 -2.87 -16.82
C VAL A 191 -9.23 -3.15 -16.56
N VAL A 192 -9.57 -3.44 -15.30
CA VAL A 192 -10.96 -3.67 -14.96
C VAL A 192 -11.78 -2.39 -15.15
N ALA A 193 -11.25 -1.27 -14.67
CA ALA A 193 -11.98 -0.02 -14.75
C ALA A 193 -12.27 0.36 -16.21
N SER A 194 -11.38 -0.01 -17.12
CA SER A 194 -11.49 0.47 -18.49
C SER A 194 -12.60 -0.26 -19.24
N THR A 195 -13.20 -1.26 -18.59
CA THR A 195 -14.38 -1.90 -19.15
C THR A 195 -15.63 -1.32 -18.51
N PHE A 196 -15.41 -0.35 -17.63
CA PHE A 196 -16.48 0.32 -16.90
C PHE A 196 -17.25 -0.60 -15.98
N SER A 197 -16.61 -1.72 -15.62
CA SER A 197 -17.04 -2.49 -14.45
C SER A 197 -17.09 -1.57 -13.25
N ASP A 198 -17.75 -2.02 -12.19
CA ASP A 198 -17.95 -1.17 -11.01
C ASP A 198 -16.66 -0.96 -10.23
N LEU A 199 -16.63 0.12 -9.46
CA LEU A 199 -15.46 0.48 -8.68
C LEU A 199 -14.98 -0.68 -7.80
N TYR A 200 -15.91 -1.38 -7.17
CA TYR A 200 -15.53 -2.45 -6.26
C TYR A 200 -14.76 -3.51 -7.01
N SER A 201 -15.22 -3.83 -8.21
CA SER A 201 -14.54 -4.79 -9.04
C SER A 201 -13.09 -4.36 -9.26
N SER A 202 -12.90 -3.11 -9.65
CA SER A 202 -11.59 -2.59 -9.99
C SER A 202 -10.63 -2.71 -8.81
N ILE A 203 -11.13 -2.33 -7.64
CA ILE A 203 -10.37 -2.36 -6.40
C ILE A 203 -10.04 -3.77 -5.95
N VAL A 204 -10.97 -4.71 -6.19
CA VAL A 204 -10.71 -6.13 -5.94
C VAL A 204 -9.52 -6.60 -6.78
N ALA A 205 -9.47 -6.16 -8.03
CA ALA A 205 -8.35 -6.49 -8.91
C ALA A 205 -7.05 -5.86 -8.41
N GLY A 206 -7.15 -4.62 -7.93
CA GLY A 206 -5.99 -3.97 -7.34
C GLY A 206 -5.37 -4.75 -6.20
N ILE A 207 -6.20 -5.09 -5.21
CA ILE A 207 -5.78 -5.92 -4.08
C ILE A 207 -5.24 -7.27 -4.56
N SER A 208 -5.93 -7.89 -5.52
CA SER A 208 -5.57 -9.21 -6.01
C SER A 208 -4.16 -9.22 -6.59
N ALA A 209 -3.77 -8.09 -7.19
CA ALA A 209 -2.43 -7.99 -7.75
C ALA A 209 -1.43 -7.60 -6.67
N LEU A 210 -1.81 -6.66 -5.81
CA LEU A 210 -0.91 -6.15 -4.81
C LEU A 210 -0.36 -7.24 -3.88
N LYS A 211 -1.19 -8.23 -3.56
CA LYS A 211 -0.76 -9.28 -2.66
C LYS A 211 0.17 -10.28 -3.35
N GLY A 212 0.33 -10.15 -4.66
CA GLY A 212 1.28 -11.00 -5.36
C GLY A 212 2.68 -10.86 -4.77
N PRO A 213 3.39 -11.98 -4.57
CA PRO A 213 4.75 -11.97 -4.00
C PRO A 213 5.80 -11.31 -4.89
N LEU A 214 5.54 -11.31 -6.19
CA LEU A 214 6.50 -10.79 -7.17
C LEU A 214 6.40 -9.27 -7.31
N HIS A 215 5.45 -8.68 -6.60
CA HIS A 215 5.13 -7.25 -6.72
C HIS A 215 6.21 -6.42 -6.02
N GLY A 216 6.68 -5.36 -6.67
CA GLY A 216 7.63 -4.47 -6.02
C GLY A 216 7.04 -3.85 -4.77
N GLY A 217 7.89 -3.57 -3.78
CA GLY A 217 7.41 -3.08 -2.51
C GLY A 217 6.47 -4.03 -1.78
N ALA A 218 5.99 -3.58 -0.62
CA ALA A 218 5.22 -4.44 0.29
C ALA A 218 6.01 -5.69 0.62
N ASN A 219 7.23 -5.51 1.11
CA ASN A 219 8.12 -6.64 1.31
C ASN A 219 8.15 -7.07 2.75
N TYR A 220 8.70 -6.22 3.61
CA TYR A 220 8.61 -6.44 5.06
C TYR A 220 9.41 -7.67 5.50
N GLU A 221 10.29 -8.13 4.61
CA GLU A 221 11.25 -9.15 4.97
C GLU A 221 12.36 -8.51 5.80
N ALA A 222 12.40 -7.18 5.76
CA ALA A 222 13.37 -6.38 6.49
C ALA A 222 13.27 -6.53 8.00
N LEU A 223 12.04 -6.54 8.51
CA LEU A 223 11.79 -6.77 9.93
C LEU A 223 12.35 -8.14 10.34
N LYS A 224 12.14 -9.12 9.47
CA LYS A 224 12.61 -10.49 9.70
C LYS A 224 14.13 -10.50 9.78
N MET A 225 14.77 -9.77 8.86
CA MET A 225 16.22 -9.66 8.86
C MET A 225 16.75 -9.04 10.15
N PHE A 226 16.16 -7.91 10.57
CA PHE A 226 16.57 -7.29 11.83
C PHE A 226 16.43 -8.29 12.97
N LYS A 227 15.39 -9.11 12.90
CA LYS A 227 15.13 -10.08 13.95
C LYS A 227 16.22 -11.12 14.03
N GLU A 228 16.58 -11.71 12.89
CA GLU A 228 17.54 -12.81 12.93
C GLU A 228 18.99 -12.36 13.15
N ILE A 229 19.34 -11.16 12.69
CA ILE A 229 20.51 -10.49 13.26
C ILE A 229 20.21 -10.22 14.72
N GLY A 230 20.91 -10.87 15.64
CA GLY A 230 20.47 -10.79 17.03
C GLY A 230 20.80 -9.46 17.69
N SER A 231 22.08 -9.27 17.98
CA SER A 231 22.59 -8.00 18.45
C SER A 231 22.91 -7.15 17.23
N PRO A 232 23.23 -5.87 17.44
CA PRO A 232 23.76 -5.03 16.36
C PRO A 232 25.28 -5.10 16.33
N GLU A 233 25.84 -6.14 16.93
CA GLU A 233 27.27 -6.37 16.95
C GLU A 233 27.50 -7.42 15.89
N LYS A 234 26.37 -7.99 15.47
CA LYS A 234 26.30 -9.24 14.76
C LYS A 234 26.04 -8.89 13.29
N VAL A 235 25.69 -7.62 13.08
CA VAL A 235 25.09 -7.16 11.85
C VAL A 235 26.10 -7.19 10.68
N ASN A 236 27.32 -6.76 10.94
CA ASN A 236 28.32 -6.72 9.88
C ASN A 236 28.73 -8.09 9.31
N ASP A 237 28.84 -9.13 10.15
CA ASP A 237 29.14 -10.45 9.59
C ASP A 237 27.94 -10.94 8.80
N TYR A 238 26.76 -10.67 9.33
CA TYR A 238 25.52 -11.11 8.69
C TYR A 238 25.44 -10.53 7.27
N ILE A 239 25.54 -9.22 7.17
CA ILE A 239 25.35 -8.54 5.89
C ILE A 239 26.48 -8.88 4.93
N LEU A 240 27.70 -8.89 5.44
CA LEU A 240 28.85 -9.18 4.60
C LEU A 240 28.79 -10.62 4.12
N ASN A 241 28.27 -11.49 4.97
CA ASN A 241 28.06 -12.87 4.54
C ASN A 241 27.03 -12.92 3.42
N ARG A 242 26.00 -12.11 3.55
CA ARG A 242 24.93 -12.10 2.57
C ARG A 242 25.47 -11.65 1.21
N LEU A 243 26.30 -10.60 1.24
CA LEU A 243 26.78 -9.98 0.01
C LEU A 243 27.76 -10.88 -0.73
N SER A 244 28.52 -11.65 0.03
CA SER A 244 29.60 -12.44 -0.54
C SER A 244 29.07 -13.58 -1.39
N ASN A 245 27.91 -14.12 -1.05
CA ASN A 245 27.28 -15.09 -1.93
C ASN A 245 25.96 -14.59 -2.43
N LYS A 246 26.04 -13.79 -3.48
CA LYS A 246 25.25 -12.60 -3.71
C LYS A 246 23.77 -12.68 -3.35
N GLN A 247 23.43 -12.42 -2.10
CA GLN A 247 22.05 -12.40 -1.65
C GLN A 247 21.57 -10.97 -1.38
N ARG A 248 20.32 -10.68 -1.71
CA ARG A 248 19.75 -9.34 -1.55
C ARG A 248 19.80 -8.84 -0.10
N ILE A 249 19.84 -7.52 0.08
CA ILE A 249 19.67 -6.93 1.40
C ILE A 249 18.29 -6.32 1.49
N MET A 250 17.42 -6.91 2.30
CA MET A 250 16.03 -6.50 2.41
C MET A 250 15.91 -5.02 2.75
N GLY A 251 15.02 -4.33 2.05
CA GLY A 251 14.82 -2.92 2.28
C GLY A 251 15.82 -2.05 1.54
N PHE A 252 16.58 -2.65 0.63
CA PHE A 252 17.50 -1.89 -0.18
C PHE A 252 17.16 -2.03 -1.65
N GLY A 253 17.67 -1.12 -2.47
CA GLY A 253 17.45 -1.21 -3.90
C GLY A 253 16.06 -0.76 -4.29
N HIS A 254 15.91 -0.33 -5.54
CA HIS A 254 14.61 0.09 -6.03
C HIS A 254 14.57 0.24 -7.55
N ARG A 255 13.46 -0.18 -8.14
CA ARG A 255 13.32 -0.20 -9.58
C ARG A 255 13.47 1.18 -10.22
N VAL A 256 13.11 2.23 -9.47
CA VAL A 256 13.13 3.56 -10.03
C VAL A 256 14.15 4.46 -9.35
N TYR A 257 14.15 4.45 -8.01
CA TYR A 257 15.10 5.28 -7.26
C TYR A 257 16.51 4.71 -7.40
N LYS A 258 17.45 5.60 -7.72
CA LYS A 258 18.85 5.24 -7.73
C LYS A 258 19.52 6.01 -6.61
N THR A 259 18.70 6.57 -5.74
CA THR A 259 19.16 7.31 -4.57
C THR A 259 18.39 6.82 -3.34
N TYR A 260 18.69 7.39 -2.18
CA TYR A 260 17.89 7.15 -0.98
C TYR A 260 16.42 7.47 -1.32
N ASP A 261 15.52 6.57 -0.94
CA ASP A 261 14.10 6.73 -1.21
C ASP A 261 13.60 7.89 -0.37
N PRO A 262 13.02 8.93 -1.01
CA PRO A 262 12.56 10.08 -0.22
C PRO A 262 11.55 9.68 0.85
N ARG A 263 10.75 8.66 0.55
CA ARG A 263 9.79 8.14 1.53
C ARG A 263 10.50 7.49 2.71
N ALA A 264 11.59 6.76 2.44
CA ALA A 264 12.40 6.18 3.49
C ALA A 264 13.04 7.25 4.36
N ARG A 265 13.55 8.30 3.72
CA ARG A 265 14.18 9.38 4.47
C ARG A 265 13.17 9.99 5.45
N ILE A 266 11.96 10.23 4.97
CA ILE A 266 10.91 10.82 5.79
C ILE A 266 10.47 9.86 6.90
N LEU A 267 10.32 8.59 6.55
CA LEU A 267 9.79 7.61 7.49
C LEU A 267 10.81 7.26 8.58
N LYS A 268 12.09 7.40 8.27
CA LYS A 268 13.14 7.05 9.21
C LYS A 268 13.01 7.81 10.53
N GLN A 269 12.55 9.04 10.46
CA GLN A 269 12.47 9.86 11.67
C GLN A 269 11.45 9.26 12.62
N TYR A 270 10.39 8.69 12.08
CA TYR A 270 9.32 8.12 12.91
C TYR A 270 9.65 6.71 13.39
N ALA A 271 10.37 5.95 12.57
CA ALA A 271 10.87 4.65 12.99
C ALA A 271 11.72 4.88 14.24
N LYS A 272 12.67 5.80 14.12
CA LYS A 272 13.55 6.17 15.21
C LYS A 272 12.79 6.67 16.44
N LEU A 273 11.85 7.61 16.26
CA LEU A 273 11.13 8.17 17.40
C LEU A 273 10.32 7.12 18.13
N LEU A 274 9.52 6.36 17.37
CA LEU A 274 8.69 5.31 17.95
C LEU A 274 9.54 4.31 18.71
N ALA A 275 10.60 3.84 18.06
CA ALA A 275 11.49 2.85 18.64
C ALA A 275 12.02 3.33 19.97
N GLU A 276 12.58 4.53 20.00
CA GLU A 276 13.25 4.98 21.20
C GLU A 276 12.25 5.37 22.29
N LYS A 277 10.99 5.52 21.91
CA LYS A 277 9.94 5.78 22.88
C LYS A 277 9.36 4.47 23.42
N GLU A 278 9.53 3.37 22.67
CA GLU A 278 9.16 2.04 23.13
C GLU A 278 10.24 1.47 24.03
N GLY A 279 11.47 1.49 23.53
CA GLY A 279 12.62 1.17 24.35
C GLY A 279 12.95 -0.31 24.47
N GLY A 280 12.15 -1.17 23.86
CA GLY A 280 12.28 -2.59 24.17
C GLY A 280 13.13 -3.41 23.21
N GLU A 281 12.65 -4.60 22.91
CA GLU A 281 13.23 -5.42 21.87
C GLU A 281 13.14 -4.64 20.56
N ILE A 282 12.24 -3.67 20.53
CA ILE A 282 11.92 -2.97 19.30
C ILE A 282 12.84 -1.78 19.11
N TYR A 283 13.44 -1.31 20.21
CA TYR A 283 14.49 -0.31 20.10
C TYR A 283 15.78 -0.96 19.64
N THR A 284 16.01 -2.19 20.07
CA THR A 284 17.22 -2.87 19.65
C THR A 284 17.12 -3.23 18.16
N LEU A 285 15.94 -3.59 17.70
CA LEU A 285 15.71 -3.75 16.27
C LEU A 285 16.13 -2.50 15.50
N TYR A 286 15.73 -1.34 16.01
CA TYR A 286 16.04 -0.10 15.31
C TYR A 286 17.56 0.10 15.28
N GLN A 287 18.22 -0.24 16.39
CA GLN A 287 19.68 -0.15 16.44
C GLN A 287 20.32 -1.07 15.42
N ILE A 288 19.79 -2.28 15.27
CA ILE A 288 20.18 -3.21 14.20
C ILE A 288 20.11 -2.48 12.86
N ALA A 289 18.96 -1.86 12.63
CA ALA A 289 18.62 -1.27 11.34
C ALA A 289 19.57 -0.14 10.94
N GLU A 290 19.95 0.70 11.91
CA GLU A 290 20.90 1.75 11.63
C GLU A 290 22.25 1.17 11.23
N LYS A 291 22.70 0.20 12.01
CA LYS A 291 23.92 -0.53 11.67
C LYS A 291 23.88 -1.12 10.27
N VAL A 292 22.76 -1.73 9.91
CA VAL A 292 22.59 -2.27 8.56
C VAL A 292 22.56 -1.15 7.52
N GLU A 293 21.87 -0.06 7.83
CA GLU A 293 21.80 1.09 6.93
C GLU A 293 23.21 1.60 6.65
N GLU A 294 24.00 1.70 7.72
CA GLU A 294 25.35 2.22 7.64
C GLU A 294 26.21 1.38 6.68
N ILE A 295 26.35 0.09 6.99
CA ILE A 295 27.23 -0.77 6.20
C ILE A 295 26.60 -1.03 4.83
N GLY A 296 25.27 -1.07 4.80
CA GLY A 296 24.57 -1.27 3.55
C GLY A 296 24.84 -0.16 2.55
N ILE A 297 24.66 1.08 2.99
CA ILE A 297 24.98 2.24 2.15
C ILE A 297 26.47 2.23 1.72
N LYS A 298 27.35 1.87 2.64
CA LYS A 298 28.77 1.82 2.36
C LYS A 298 29.06 0.91 1.16
N TYR A 299 28.65 -0.35 1.25
CA TYR A 299 28.97 -1.33 0.20
C TYR A 299 28.10 -1.22 -1.05
N LEU A 300 26.83 -0.88 -0.87
CA LEU A 300 25.87 -0.93 -1.98
C LEU A 300 25.63 0.45 -2.58
N GLY A 301 25.84 1.49 -1.79
CA GLY A 301 25.50 2.84 -2.24
C GLY A 301 26.16 3.22 -3.55
N PRO A 302 27.48 2.97 -3.69
CA PRO A 302 28.19 3.23 -4.94
C PRO A 302 27.65 2.52 -6.18
N LYS A 303 26.83 1.48 -5.99
CA LYS A 303 26.10 0.89 -7.11
C LYS A 303 24.71 1.51 -7.24
N GLY A 304 24.48 2.60 -6.52
CA GLY A 304 23.21 3.28 -6.60
C GLY A 304 22.04 2.48 -6.04
N ILE A 305 22.30 1.63 -5.05
CA ILE A 305 21.20 1.03 -4.31
C ILE A 305 21.26 1.42 -2.84
N TYR A 306 20.14 1.93 -2.33
CA TYR A 306 20.06 2.51 -0.99
C TYR A 306 18.85 1.96 -0.27
N PRO A 307 18.64 2.37 0.99
CA PRO A 307 17.42 1.87 1.65
C PRO A 307 16.16 2.44 1.00
N ASN A 308 15.08 1.68 1.03
CA ASN A 308 13.81 2.13 0.47
C ASN A 308 12.76 2.13 1.56
N VAL A 309 11.56 2.58 1.23
CA VAL A 309 10.53 2.78 2.24
C VAL A 309 10.29 1.53 3.09
N ASP A 310 10.34 0.35 2.48
CA ASP A 310 10.11 -0.91 3.20
C ASP A 310 11.09 -1.11 4.34
N PHE A 311 12.29 -0.53 4.20
CA PHE A 311 13.34 -0.69 5.19
C PHE A 311 12.92 -0.15 6.57
N PHE A 312 12.17 0.93 6.58
CA PHE A 312 11.71 1.47 7.85
C PHE A 312 10.23 1.20 8.09
N SER A 313 9.46 1.05 7.02
CA SER A 313 8.01 0.92 7.17
C SER A 313 7.64 -0.32 8.00
N SER A 314 8.50 -1.34 7.98
CA SER A 314 8.21 -2.57 8.71
C SER A 314 8.55 -2.46 10.20
N ILE A 315 9.49 -1.60 10.55
CA ILE A 315 9.69 -1.29 11.96
C ILE A 315 8.49 -0.51 12.47
N VAL A 316 8.08 0.49 11.70
CA VAL A 316 6.97 1.36 12.09
C VAL A 316 5.67 0.59 12.27
N PHE A 317 5.25 -0.12 11.23
CA PHE A 317 4.04 -0.94 11.30
C PHE A 317 4.08 -1.82 12.54
N TYR A 318 5.26 -2.34 12.85
CA TYR A 318 5.46 -3.20 14.01
C TYR A 318 5.23 -2.38 15.28
N SER A 319 5.97 -1.29 15.44
CA SER A 319 5.80 -0.42 16.60
C SER A 319 4.35 0.01 16.79
N LEU A 320 3.60 0.09 15.71
CA LEU A 320 2.26 0.65 15.77
C LEU A 320 1.23 -0.42 16.12
N GLY A 321 1.68 -1.64 16.33
CA GLY A 321 0.81 -2.66 16.86
C GLY A 321 0.23 -3.62 15.83
N PHE A 322 0.75 -3.57 14.61
CA PHE A 322 0.28 -4.49 13.58
C PHE A 322 1.16 -5.72 13.55
N GLU A 323 0.57 -6.84 13.15
CA GLU A 323 1.36 -8.04 12.94
C GLU A 323 1.77 -8.07 11.48
N PRO A 324 2.95 -8.63 11.21
CA PRO A 324 3.58 -8.60 9.90
C PRO A 324 2.74 -8.98 8.71
N ASP A 325 1.74 -9.85 8.87
CA ASP A 325 0.97 -10.23 7.70
C ASP A 325 -0.20 -9.29 7.46
N PHE A 326 -0.28 -8.26 8.29
CA PHE A 326 -1.23 -7.16 8.07
C PHE A 326 -0.59 -6.00 7.34
N PHE A 327 0.74 -6.03 7.24
CA PHE A 327 1.47 -4.90 6.65
C PHE A 327 0.97 -4.56 5.23
N PRO A 328 0.90 -5.56 4.33
CA PRO A 328 0.39 -5.30 2.98
C PRO A 328 -1.00 -4.68 2.95
N ALA A 329 -1.87 -5.13 3.86
CA ALA A 329 -3.23 -4.62 3.93
C ALA A 329 -3.32 -3.16 4.40
N VAL A 330 -2.43 -2.76 5.32
CA VAL A 330 -2.30 -1.35 5.70
C VAL A 330 -1.74 -0.52 4.52
N PHE A 331 -0.79 -1.10 3.80
CA PHE A 331 -0.35 -0.57 2.52
C PHE A 331 -1.58 -0.30 1.65
N ALA A 332 -2.43 -1.30 1.50
CA ALA A 332 -3.60 -1.23 0.62
C ALA A 332 -4.53 -0.09 1.02
N SER A 333 -4.68 0.12 2.32
CA SER A 333 -5.49 1.21 2.84
C SER A 333 -5.06 2.53 2.23
N ALA A 334 -3.75 2.72 2.15
CA ALA A 334 -3.20 3.94 1.59
C ALA A 334 -3.38 3.92 0.07
N ARG A 335 -2.96 2.83 -0.56
CA ARG A 335 -2.81 2.83 -2.00
C ARG A 335 -4.17 2.88 -2.71
N VAL A 336 -5.23 2.45 -2.03
CA VAL A 336 -6.54 2.45 -2.67
C VAL A 336 -6.96 3.86 -3.08
N VAL A 337 -6.48 4.86 -2.35
CA VAL A 337 -6.70 6.25 -2.73
C VAL A 337 -6.05 6.49 -4.08
N GLY A 338 -4.81 6.05 -4.24
CA GLY A 338 -4.16 6.13 -5.53
C GLY A 338 -4.92 5.42 -6.65
N TRP A 339 -5.39 4.21 -6.37
CA TRP A 339 -6.13 3.44 -7.35
C TRP A 339 -7.37 4.19 -7.82
N VAL A 340 -8.12 4.74 -6.87
CA VAL A 340 -9.35 5.44 -7.20
C VAL A 340 -9.02 6.64 -8.09
N ALA A 341 -7.97 7.35 -7.72
CA ALA A 341 -7.53 8.53 -8.46
C ALA A 341 -7.23 8.20 -9.91
N HIS A 342 -6.43 7.17 -10.12
CA HIS A 342 -6.01 6.79 -11.46
C HIS A 342 -7.19 6.39 -12.33
N ILE A 343 -8.12 5.63 -11.73
CA ILE A 343 -9.35 5.22 -12.41
C ILE A 343 -10.15 6.46 -12.81
N MET A 344 -10.31 7.39 -11.87
CA MET A 344 -10.97 8.66 -12.17
C MET A 344 -10.30 9.34 -13.35
N GLU A 345 -8.97 9.40 -13.32
CA GLU A 345 -8.20 10.07 -14.34
C GLU A 345 -8.27 9.32 -15.68
N TYR A 346 -8.20 7.99 -15.62
CA TYR A 346 -8.15 7.18 -16.83
C TYR A 346 -9.45 7.23 -17.60
N ILE A 347 -10.58 7.28 -16.89
CA ILE A 347 -11.87 7.15 -17.57
C ILE A 347 -12.49 8.48 -18.03
N LYS A 348 -11.77 9.59 -17.92
CA LYS A 348 -12.26 10.78 -18.55
C LYS A 348 -12.24 10.56 -20.06
N ASP A 349 -11.16 9.98 -20.57
CA ASP A 349 -11.08 9.51 -21.96
C ASP A 349 -10.95 8.01 -21.97
N ASN A 350 -11.97 7.26 -21.61
CA ASN A 350 -11.72 5.84 -21.45
C ASN A 350 -11.30 5.18 -22.76
N LYS A 351 -10.35 4.26 -22.65
CA LYS A 351 -10.11 3.29 -23.67
C LYS A 351 -9.99 1.91 -23.02
N ILE A 352 -10.90 1.01 -23.38
CA ILE A 352 -10.86 -0.35 -22.88
C ILE A 352 -9.50 -0.96 -23.23
N ILE A 353 -8.87 -1.59 -22.26
CA ILE A 353 -7.51 -2.09 -22.47
C ILE A 353 -7.61 -3.52 -22.97
N ARG A 354 -7.44 -3.70 -24.27
CA ARG A 354 -7.39 -5.06 -24.81
C ARG A 354 -6.18 -5.24 -25.71
N PRO A 355 -5.10 -5.78 -25.14
CA PRO A 355 -3.87 -6.05 -25.90
C PRO A 355 -4.08 -7.20 -26.90
N LYS A 356 -3.05 -7.47 -27.69
CA LYS A 356 -3.07 -8.62 -28.59
C LYS A 356 -2.14 -9.70 -28.09
N ALA A 357 -2.33 -10.90 -28.59
CA ALA A 357 -1.40 -12.00 -28.35
C ALA A 357 -0.94 -12.57 -29.71
N TYR A 358 0.31 -13.00 -29.77
CA TYR A 358 0.85 -13.51 -31.03
C TYR A 358 0.82 -15.03 -31.04
N TYR A 359 0.04 -15.59 -31.96
CA TYR A 359 -0.08 -17.03 -32.06
C TYR A 359 1.11 -17.63 -32.78
N LYS A 360 1.84 -18.50 -32.09
CA LYS A 360 3.00 -19.13 -32.71
C LYS A 360 2.84 -20.63 -32.70
N GLY A 361 1.63 -21.08 -32.98
CA GLY A 361 1.35 -22.51 -33.03
C GLY A 361 1.10 -23.03 -34.43
N GLU A 362 0.38 -24.15 -34.51
CA GLU A 362 -0.02 -24.72 -35.79
C GLU A 362 -1.54 -24.66 -35.93
N ILE A 363 -2.02 -24.76 -37.16
CA ILE A 363 -3.46 -24.87 -37.38
C ILE A 363 -3.76 -25.92 -38.43
N GLY A 364 -5.02 -26.32 -38.54
CA GLY A 364 -5.40 -27.30 -39.53
C GLY A 364 -5.06 -28.74 -39.15
N LYS A 365 -4.83 -28.97 -37.87
CA LYS A 365 -4.60 -30.32 -37.37
C LYS A 365 -5.86 -31.15 -37.60
N LYS A 366 -5.68 -32.42 -37.94
CA LYS A 366 -6.80 -33.33 -38.11
C LYS A 366 -7.24 -33.90 -36.74
N TYR A 367 -8.54 -33.87 -36.47
CA TYR A 367 -9.06 -34.36 -35.19
C TYR A 367 -8.96 -35.87 -35.17
N ILE A 368 -8.10 -36.39 -34.31
CA ILE A 368 -7.91 -37.83 -34.28
C ILE A 368 -8.76 -38.45 -33.18
N PRO A 369 -9.48 -39.53 -33.51
CA PRO A 369 -10.34 -40.26 -32.56
C PRO A 369 -9.54 -40.81 -31.39
N ILE A 370 -10.20 -40.91 -30.24
CA ILE A 370 -9.48 -41.14 -29.01
C ILE A 370 -8.79 -42.52 -28.97
N ASP A 371 -9.40 -43.56 -29.54
CA ASP A 371 -8.68 -44.82 -29.59
C ASP A 371 -7.42 -44.76 -30.46
N SER A 372 -7.45 -44.00 -31.56
CA SER A 372 -6.27 -43.87 -32.40
C SER A 372 -5.15 -43.02 -31.78
N ARG A 373 -5.37 -42.55 -30.56
CA ARG A 373 -4.43 -41.63 -29.91
C ARG A 373 -3.37 -42.36 -29.09
#